data_6KRJ
#
_entry.id   6KRJ
#
_cell.length_a   67.570
_cell.length_b   77.520
_cell.length_c   108.730
_cell.angle_alpha   90.000
_cell.angle_beta   90.000
_cell.angle_gamma   90.000
#
_symmetry.space_group_name_H-M   'P 21 21 21'
#
loop_
_entity.id
_entity.type
_entity.pdbx_description
1 polymer Phosphotransferase
2 water water
#
_entity_poly.entity_id   1
_entity_poly.type   'polypeptide(L)'
_entity_poly.pdbx_seq_one_letter_code
;ANNSLEQKAEQVLAPLRLSKEKLQDLSKTFSDELLRGLEMHKRHGLKWVPEECSLRMLDSCVSEIPTGNEKGVFYALDFG
GTNVRAVRCELLGGGRIRSQQFLKNLYECGGEIDLMARETSASQLFDVLAGCVGELVEENNEKELLKKKAAKLGFTFSFP
CVQRSLNNSVLESWTKGFATGHDTDDPVVGKDVVPLLAAAFARQGLGLECEAVVNDTVGTLLSCAYQKGPGGPPCTVGVI
LGTGANCCYWEPQAAAFGYRGAVVNVECGNFNKNLPTTPADEAIDNKSPNKKHQLFEKMISGFYLGELVRLLTLEIFGAA
APAKAREEFSFDAKQAAVLAASLMPGKEEDPALASSCKVLLKESWGWDLDAAALKVMRQIGFAVFDRSAALAAVSIAVLV
QRTRSLETDGGVTVAVDGSLYVRNEWYGLRIRTFLKELLGEKVDKVFLRAADDGSGKGAAICVAALH
;
_entity_poly.pdbx_strand_id   A
#
# COMPACT_ATOMS: atom_id res chain seq x y z
N ASN A 2 29.61 -20.49 15.49
CA ASN A 2 30.29 -19.22 15.81
C ASN A 2 31.69 -19.09 15.12
N ASN A 3 32.59 -18.26 15.71
CA ASN A 3 33.86 -17.69 15.17
C ASN A 3 33.87 -17.43 13.65
N SER A 4 33.73 -18.44 12.79
CA SER A 4 33.57 -18.11 11.37
C SER A 4 32.11 -17.88 11.01
N LEU A 5 31.20 -18.00 12.00
CA LEU A 5 29.82 -17.57 11.79
C LEU A 5 29.76 -16.10 11.45
N GLU A 6 30.65 -15.29 12.05
CA GLU A 6 30.62 -13.85 11.82
C GLU A 6 31.14 -13.50 10.43
N GLN A 7 32.16 -14.23 9.96
CA GLN A 7 32.63 -14.03 8.59
C GLN A 7 31.55 -14.41 7.57
N LYS A 8 30.82 -15.50 7.84
CA LYS A 8 29.77 -15.91 6.91
C LYS A 8 28.62 -14.91 6.93
N ALA A 9 28.19 -14.47 8.12
CA ALA A 9 27.19 -13.41 8.21
C ALA A 9 27.63 -12.18 7.45
N GLU A 10 28.90 -11.81 7.55
CA GLU A 10 29.38 -10.63 6.84
C GLU A 10 29.28 -10.83 5.33
N GLN A 11 29.75 -11.97 4.83
CA GLN A 11 29.69 -12.24 3.40
C GLN A 11 28.25 -12.28 2.89
N VAL A 12 27.33 -12.80 3.70
CA VAL A 12 25.96 -12.95 3.22
C VAL A 12 25.19 -11.64 3.31
N LEU A 13 25.45 -10.84 4.34
CA LEU A 13 24.68 -9.64 4.60
C LEU A 13 25.22 -8.41 3.89
N ALA A 14 26.49 -8.41 3.47
CA ALA A 14 27.03 -7.24 2.79
C ALA A 14 26.22 -6.83 1.55
N PRO A 15 25.77 -7.75 0.68
CA PRO A 15 24.97 -7.31 -0.49
C PRO A 15 23.64 -6.69 -0.12
N LEU A 16 23.17 -6.83 1.12
CA LEU A 16 21.95 -6.19 1.58
C LEU A 16 22.19 -4.76 2.03
N ARG A 17 23.44 -4.37 2.25
CA ARG A 17 23.79 -3.04 2.74
C ARG A 17 24.05 -2.16 1.53
N LEU A 18 23.05 -1.38 1.13
CA LEU A 18 23.15 -0.61 -0.10
C LEU A 18 23.80 0.75 0.20
N SER A 19 24.91 1.01 -0.47
CA SER A 19 25.63 2.26 -0.32
C SER A 19 24.87 3.43 -0.96
N LYS A 20 25.27 4.65 -0.58
CA LYS A 20 24.68 5.84 -1.19
C LYS A 20 24.79 5.78 -2.71
N GLU A 21 25.91 5.30 -3.23
CA GLU A 21 26.10 5.26 -4.67
C GLU A 21 25.15 4.26 -5.33
N LYS A 22 24.98 3.09 -4.72
CA LYS A 22 24.04 2.11 -5.24
C LYS A 22 22.61 2.65 -5.19
N LEU A 23 22.26 3.34 -4.11
CA LEU A 23 20.92 3.90 -4.01
C LEU A 23 20.71 4.99 -5.06
N GLN A 24 21.74 5.80 -5.32
CA GLN A 24 21.64 6.83 -6.34
C GLN A 24 21.50 6.23 -7.74
N ASP A 25 22.21 5.13 -8.02
CA ASP A 25 22.06 4.46 -9.31
C ASP A 25 20.65 3.88 -9.46
N LEU A 26 20.14 3.27 -8.39
CA LEU A 26 18.78 2.73 -8.47
C LEU A 26 17.76 3.84 -8.66
N SER A 27 17.97 4.98 -7.98
CA SER A 27 17.09 6.13 -8.17
C SER A 27 17.08 6.58 -9.62
N LYS A 28 18.25 6.62 -10.26
CA LYS A 28 18.30 7.01 -11.66
C LYS A 28 17.54 6.00 -12.55
N THR A 29 17.72 4.70 -12.26
CA THR A 29 17.04 3.68 -13.05
C THR A 29 15.52 3.80 -12.90
N PHE A 30 15.07 4.01 -11.67
CA PHE A 30 13.65 4.13 -11.38
C PHE A 30 13.06 5.39 -12.05
N SER A 31 13.79 6.50 -12.01
CA SER A 31 13.32 7.72 -12.68
C SER A 31 13.15 7.49 -14.17
N ASP A 32 14.14 6.84 -14.79
CA ASP A 32 14.05 6.54 -16.21
C ASP A 32 12.86 5.64 -16.52
N GLU A 33 12.62 4.64 -15.66
CA GLU A 33 11.48 3.75 -15.85
C GLU A 33 10.16 4.49 -15.72
N LEU A 34 10.08 5.44 -14.78
CA LEU A 34 8.86 6.22 -14.62
C LEU A 34 8.54 6.98 -15.90
N LEU A 35 9.56 7.62 -16.48
CA LEU A 35 9.37 8.34 -17.74
C LEU A 35 8.95 7.39 -18.87
N ARG A 36 9.58 6.21 -18.93
CA ARG A 36 9.15 5.20 -19.91
C ARG A 36 7.68 4.86 -19.71
N GLY A 37 7.23 4.81 -18.45
CA GLY A 37 5.84 4.46 -18.20
C GLY A 37 4.88 5.54 -18.65
N LEU A 38 5.27 6.81 -18.48
CA LEU A 38 4.43 7.91 -18.97
C LEU A 38 4.34 7.89 -20.49
N GLU A 39 5.47 7.65 -21.18
CA GLU A 39 5.43 7.50 -22.63
C GLU A 39 4.57 6.30 -23.03
N MET A 40 4.65 5.22 -22.24
CA MET A 40 3.81 4.05 -22.49
C MET A 40 2.34 4.42 -22.39
N HIS A 41 1.96 5.16 -21.34
CA HIS A 41 0.58 5.58 -21.19
C HIS A 41 0.13 6.42 -22.37
N LYS A 42 0.98 7.35 -22.79
CA LYS A 42 0.61 8.26 -23.88
C LYS A 42 0.31 7.48 -25.14
N ARG A 43 1.07 6.41 -25.41
CA ARG A 43 0.85 5.63 -26.61
C ARG A 43 -0.25 4.58 -26.48
N HIS A 44 -0.34 3.91 -25.33
CA HIS A 44 -1.12 2.70 -25.18
C HIS A 44 -2.34 2.83 -24.28
N GLY A 45 -2.41 3.90 -23.49
CA GLY A 45 -3.60 4.17 -22.71
C GLY A 45 -3.90 3.10 -21.68
N LEU A 46 -5.06 2.42 -21.83
CA LEU A 46 -5.44 1.39 -20.87
C LEU A 46 -4.62 0.11 -20.99
N LYS A 47 -3.89 -0.09 -22.08
CA LYS A 47 -3.16 -1.33 -22.29
C LYS A 47 -1.78 -1.21 -21.64
N TRP A 48 -1.53 -2.07 -20.66
CA TRP A 48 -0.20 -2.20 -20.08
C TRP A 48 0.68 -3.00 -21.04
N VAL A 49 1.87 -2.48 -21.32
CA VAL A 49 2.83 -3.16 -22.20
C VAL A 49 4.07 -3.41 -21.35
N PRO A 50 4.13 -4.55 -20.66
CA PRO A 50 5.25 -4.78 -19.72
C PRO A 50 6.61 -4.67 -20.36
N GLU A 51 6.72 -4.97 -21.66
CA GLU A 51 7.99 -4.83 -22.36
C GLU A 51 8.44 -3.38 -22.45
N GLU A 52 7.51 -2.43 -22.40
CA GLU A 52 7.89 -1.02 -22.39
C GLU A 52 8.17 -0.52 -20.98
N CYS A 53 7.45 -1.01 -19.98
CA CYS A 53 7.62 -0.51 -18.62
C CYS A 53 7.09 -1.51 -17.62
N SER A 54 7.86 -1.76 -16.56
CA SER A 54 7.40 -2.61 -15.46
C SER A 54 6.36 -1.90 -14.58
N LEU A 55 6.23 -0.58 -14.69
CA LEU A 55 5.29 0.20 -13.89
C LEU A 55 4.00 0.42 -14.69
N ARG A 56 2.86 0.10 -14.09
CA ARG A 56 1.61 0.23 -14.84
C ARG A 56 1.23 1.70 -15.06
N MET A 57 1.64 2.59 -14.15
CA MET A 57 1.38 4.03 -14.27
C MET A 57 -0.10 4.30 -14.54
N LEU A 58 -0.96 3.71 -13.71
CA LEU A 58 -2.39 3.81 -13.94
C LEU A 58 -2.91 5.23 -13.71
N ASP A 59 -3.82 5.66 -14.57
CA ASP A 59 -4.56 6.90 -14.39
C ASP A 59 -5.57 6.69 -13.26
N SER A 60 -5.35 7.34 -12.12
CA SER A 60 -6.34 7.27 -11.04
C SER A 60 -7.60 8.05 -11.35
N CYS A 61 -7.56 8.94 -12.36
CA CYS A 61 -8.62 9.87 -12.71
C CYS A 61 -8.93 10.87 -11.59
N VAL A 62 -8.08 10.97 -10.58
CA VAL A 62 -8.23 11.94 -9.50
C VAL A 62 -7.48 13.21 -9.88
N SER A 63 -8.20 14.33 -9.92
CA SER A 63 -7.64 15.64 -10.24
C SER A 63 -7.82 16.65 -9.12
N GLU A 64 -8.87 16.55 -8.32
CA GLU A 64 -9.20 17.56 -7.31
C GLU A 64 -8.63 17.12 -5.98
N ILE A 65 -7.61 17.84 -5.52
CA ILE A 65 -6.97 17.54 -4.24
C ILE A 65 -7.67 18.41 -3.19
N PRO A 66 -8.03 17.86 -2.02
CA PRO A 66 -8.74 18.66 -1.03
C PRO A 66 -7.88 19.77 -0.46
N THR A 67 -8.55 20.80 0.03
CA THR A 67 -7.90 21.90 0.71
C THR A 67 -7.82 21.72 2.22
N GLY A 68 -8.66 20.86 2.79
CA GLY A 68 -8.81 20.82 4.23
C GLY A 68 -9.96 21.66 4.75
N ASN A 69 -10.60 22.44 3.89
CA ASN A 69 -11.68 23.34 4.29
C ASN A 69 -13.06 22.79 3.96
N GLU A 70 -13.12 21.72 3.17
CA GLU A 70 -14.40 21.17 2.74
C GLU A 70 -15.20 20.68 3.96
N LYS A 71 -16.51 20.83 3.89
CA LYS A 71 -17.38 20.45 4.99
C LYS A 71 -18.54 19.64 4.48
N GLY A 72 -18.99 18.70 5.30
CA GLY A 72 -20.19 17.96 4.98
C GLY A 72 -20.11 16.50 5.38
N VAL A 73 -21.13 15.72 5.05
CA VAL A 73 -21.18 14.30 5.40
C VAL A 73 -20.99 13.51 4.11
N PHE A 74 -19.96 12.65 4.09
CA PHE A 74 -19.60 11.88 2.90
C PHE A 74 -19.37 10.44 3.29
N TYR A 75 -19.72 9.53 2.38
CA TYR A 75 -19.63 8.12 2.67
C TYR A 75 -18.56 7.44 1.82
N ALA A 76 -18.18 6.25 2.26
CA ALA A 76 -17.28 5.42 1.49
C ALA A 76 -17.66 3.96 1.66
N LEU A 77 -17.39 3.17 0.63
CA LEU A 77 -17.51 1.72 0.68
C LEU A 77 -16.15 1.14 0.35
N ASP A 78 -15.62 0.34 1.25
CA ASP A 78 -14.28 -0.23 1.18
C ASP A 78 -14.45 -1.73 0.96
N PHE A 79 -14.26 -2.17 -0.28
CA PHE A 79 -14.42 -3.57 -0.67
C PHE A 79 -13.07 -4.03 -1.26
N GLY A 80 -12.24 -4.65 -0.42
CA GLY A 80 -10.96 -5.13 -0.89
C GLY A 80 -10.74 -6.60 -0.59
N GLY A 81 -11.84 -7.32 -0.36
CA GLY A 81 -11.76 -8.70 0.07
C GLY A 81 -13.00 -9.04 0.87
N THR A 82 -12.90 -10.09 1.68
CA THR A 82 -14.07 -10.57 2.40
C THR A 82 -14.43 -9.69 3.59
N ASN A 83 -13.54 -8.80 4.02
CA ASN A 83 -13.82 -7.89 5.13
C ASN A 83 -14.23 -6.53 4.55
N VAL A 84 -15.53 -6.34 4.37
CA VAL A 84 -16.09 -5.13 3.75
C VAL A 84 -16.33 -4.10 4.84
N ARG A 85 -16.09 -2.82 4.52
CA ARG A 85 -16.34 -1.73 5.47
C ARG A 85 -17.17 -0.64 4.79
N ALA A 86 -18.18 -0.14 5.48
CA ALA A 86 -18.79 1.13 5.10
C ALA A 86 -18.28 2.18 6.07
N VAL A 87 -18.03 3.39 5.56
CA VAL A 87 -17.49 4.46 6.37
C VAL A 87 -18.35 5.69 6.16
N ARG A 88 -18.56 6.46 7.22
CA ARG A 88 -19.24 7.74 7.15
C ARG A 88 -18.33 8.78 7.77
N CYS A 89 -18.04 9.86 7.04
CA CYS A 89 -17.08 10.88 7.48
C CYS A 89 -17.79 12.22 7.56
N GLU A 90 -17.76 12.83 8.74
CA GLU A 90 -18.09 14.23 8.91
C GLU A 90 -16.82 15.02 8.67
N LEU A 91 -16.76 15.74 7.55
CA LEU A 91 -15.68 16.67 7.29
C LEU A 91 -16.06 18.00 7.95
N LEU A 92 -15.29 18.40 8.95
CA LEU A 92 -15.66 19.52 9.80
C LEU A 92 -14.88 20.79 9.47
N GLY A 93 -14.00 20.72 8.47
CA GLY A 93 -13.13 21.84 8.17
C GLY A 93 -11.93 21.87 9.08
N GLY A 94 -10.96 22.71 8.71
CA GLY A 94 -9.71 22.75 9.45
C GLY A 94 -8.98 21.44 9.49
N GLY A 95 -9.18 20.59 8.49
CA GLY A 95 -8.53 19.28 8.49
C GLY A 95 -9.13 18.27 9.45
N ARG A 96 -10.23 18.59 10.11
CA ARG A 96 -10.81 17.69 11.11
C ARG A 96 -11.86 16.81 10.48
N ILE A 97 -11.84 15.53 10.83
CA ILE A 97 -12.79 14.54 10.34
C ILE A 97 -13.22 13.67 11.51
N ARG A 98 -14.51 13.44 11.62
CA ARG A 98 -15.03 12.45 12.55
C ARG A 98 -15.61 11.30 11.74
N SER A 99 -15.24 10.05 12.08
CA SER A 99 -15.61 8.90 11.27
C SER A 99 -16.43 7.89 12.06
N GLN A 100 -17.27 7.16 11.33
CA GLN A 100 -17.98 5.98 11.82
C GLN A 100 -17.77 4.88 10.79
N GLN A 101 -17.85 3.63 11.22
CA GLN A 101 -17.74 2.54 10.26
C GLN A 101 -18.72 1.42 10.63
N PHE A 102 -19.05 0.61 9.63
CA PHE A 102 -19.82 -0.60 9.82
C PHE A 102 -19.12 -1.72 9.06
N LEU A 103 -18.86 -2.84 9.74
CA LEU A 103 -18.11 -3.95 9.18
C LEU A 103 -19.02 -5.11 8.80
N LYS A 104 -18.73 -5.75 7.67
CA LYS A 104 -19.42 -6.97 7.27
C LYS A 104 -18.38 -7.99 6.82
N ASN A 105 -18.48 -9.21 7.37
CA ASN A 105 -17.65 -10.32 6.95
C ASN A 105 -18.47 -11.12 5.94
N LEU A 106 -18.03 -11.13 4.68
CA LEU A 106 -18.86 -11.74 3.65
C LEU A 106 -19.01 -13.25 3.84
N TYR A 107 -18.08 -13.89 4.55
CA TYR A 107 -18.23 -15.32 4.87
C TYR A 107 -19.49 -15.59 5.69
N GLU A 108 -19.91 -14.62 6.51
CA GLU A 108 -21.06 -14.81 7.40
C GLU A 108 -22.27 -13.99 6.97
N CYS A 109 -22.34 -13.61 5.69
CA CYS A 109 -23.46 -12.86 5.14
C CYS A 109 -24.20 -13.70 4.11
N GLY A 110 -25.51 -13.50 4.04
CA GLY A 110 -26.34 -14.23 3.11
C GLY A 110 -26.76 -15.60 3.59
N GLY A 111 -28.07 -15.85 3.59
CA GLY A 111 -28.62 -17.11 4.06
C GLY A 111 -28.51 -18.24 3.07
N GLU A 112 -27.71 -19.25 3.43
CA GLU A 112 -27.45 -20.42 2.57
C GLU A 112 -26.94 -19.99 1.20
N ILE A 113 -26.19 -18.89 1.15
CA ILE A 113 -25.65 -18.39 -0.11
C ILE A 113 -24.22 -17.91 0.13
N ASP A 114 -23.27 -18.52 -0.58
CA ASP A 114 -21.87 -18.16 -0.54
C ASP A 114 -21.66 -16.99 -1.49
N LEU A 115 -21.41 -15.81 -0.93
CA LEU A 115 -21.32 -14.62 -1.80
C LEU A 115 -20.09 -14.65 -2.69
N MET A 116 -19.08 -15.45 -2.33
CA MET A 116 -17.85 -15.55 -3.11
C MET A 116 -17.94 -16.57 -4.22
N ALA A 117 -19.05 -17.29 -4.32
CA ALA A 117 -19.17 -18.46 -5.16
C ALA A 117 -19.61 -18.11 -6.58
N ARG A 118 -19.21 -18.98 -7.53
CA ARG A 118 -19.48 -18.75 -8.94
C ARG A 118 -20.98 -18.70 -9.22
N GLU A 119 -21.81 -19.35 -8.38
CA GLU A 119 -23.25 -19.37 -8.65
C GLU A 119 -23.97 -18.11 -8.16
N THR A 120 -23.29 -17.25 -7.41
CA THR A 120 -23.89 -16.04 -6.88
C THR A 120 -23.87 -14.93 -7.92
N SER A 121 -24.97 -14.21 -8.06
CA SER A 121 -25.04 -13.17 -9.06
C SER A 121 -24.40 -11.87 -8.58
N ALA A 122 -24.12 -10.98 -9.53
CA ALA A 122 -23.64 -9.65 -9.17
C ALA A 122 -24.65 -8.94 -8.27
N SER A 123 -25.94 -9.08 -8.58
CA SER A 123 -26.96 -8.39 -7.79
C SER A 123 -26.96 -8.86 -6.34
N GLN A 124 -26.74 -10.16 -6.09
CA GLN A 124 -26.73 -10.63 -4.70
C GLN A 124 -25.53 -10.05 -3.93
N LEU A 125 -24.35 -10.06 -4.56
CA LEU A 125 -23.17 -9.49 -3.92
C LEU A 125 -23.35 -7.99 -3.67
N PHE A 126 -23.80 -7.24 -4.67
CA PHE A 126 -23.90 -5.80 -4.50
C PHE A 126 -25.05 -5.42 -3.58
N ASP A 127 -26.09 -6.25 -3.48
CA ASP A 127 -27.10 -6.07 -2.44
C ASP A 127 -26.47 -6.08 -1.07
N VAL A 128 -25.52 -7.01 -0.84
CA VAL A 128 -24.89 -7.07 0.48
C VAL A 128 -23.96 -5.86 0.71
N LEU A 129 -23.20 -5.46 -0.32
CA LEU A 129 -22.37 -4.26 -0.20
C LEU A 129 -23.22 -3.02 0.13
N ALA A 130 -24.26 -2.79 -0.67
CA ALA A 130 -25.16 -1.67 -0.44
C ALA A 130 -25.76 -1.74 0.95
N GLY A 131 -26.11 -2.96 1.41
CA GLY A 131 -26.69 -3.10 2.73
C GLY A 131 -25.73 -2.76 3.86
N CYS A 132 -24.44 -3.01 3.66
CA CYS A 132 -23.45 -2.53 4.62
C CYS A 132 -23.53 -1.02 4.78
N VAL A 133 -23.51 -0.30 3.64
CA VAL A 133 -23.68 1.15 3.73
C VAL A 133 -25.03 1.50 4.36
N GLY A 134 -26.08 0.77 3.98
CA GLY A 134 -27.41 1.06 4.51
C GLY A 134 -27.49 0.89 6.02
N GLU A 135 -26.78 -0.09 6.56
CA GLU A 135 -26.76 -0.25 8.01
C GLU A 135 -26.13 0.98 8.66
N LEU A 136 -25.07 1.51 8.05
CA LEU A 136 -24.47 2.72 8.61
C LEU A 136 -25.42 3.92 8.50
N VAL A 137 -26.11 4.08 7.36
CA VAL A 137 -27.12 5.12 7.21
C VAL A 137 -28.18 4.97 8.31
N GLU A 138 -28.62 3.75 8.58
CA GLU A 138 -29.67 3.56 9.58
C GLU A 138 -29.16 3.84 11.00
N GLU A 139 -27.89 3.50 11.30
CA GLU A 139 -27.33 3.88 12.61
C GLU A 139 -27.46 5.37 12.86
N ASN A 140 -27.39 6.15 11.80
CA ASN A 140 -27.44 7.60 11.92
C ASN A 140 -28.84 8.16 11.69
N ASN A 141 -29.83 7.28 11.54
CA ASN A 141 -31.22 7.69 11.37
C ASN A 141 -31.36 8.66 10.20
N GLU A 142 -30.59 8.39 9.12
CA GLU A 142 -30.41 9.33 8.01
C GLU A 142 -31.13 8.93 6.74
N LYS A 143 -31.84 7.80 6.71
CA LYS A 143 -32.36 7.32 5.42
C LYS A 143 -33.31 8.33 4.77
N GLU A 144 -34.20 8.93 5.54
CA GLU A 144 -35.14 9.89 4.95
C GLU A 144 -34.44 11.17 4.49
N LEU A 145 -33.48 11.66 5.28
CA LEU A 145 -32.71 12.82 4.85
C LEU A 145 -32.00 12.56 3.52
N LEU A 146 -31.46 11.36 3.33
CA LEU A 146 -30.77 11.06 2.09
C LEU A 146 -31.74 10.81 0.94
N LYS A 147 -32.97 10.39 1.24
CA LYS A 147 -34.01 10.38 0.20
C LYS A 147 -34.29 11.80 -0.28
N LYS A 148 -34.25 12.77 0.63
CA LYS A 148 -34.44 14.16 0.23
C LYS A 148 -33.27 14.69 -0.59
N LYS A 149 -32.04 14.44 -0.13
CA LYS A 149 -30.84 14.93 -0.80
C LYS A 149 -29.76 13.87 -0.65
N ALA A 150 -29.32 13.29 -1.77
CA ALA A 150 -28.40 12.17 -1.69
C ALA A 150 -27.04 12.61 -1.15
N ALA A 151 -26.38 11.67 -0.48
CA ALA A 151 -25.01 11.86 -0.04
C ALA A 151 -24.06 11.28 -1.09
N LYS A 152 -22.88 11.88 -1.21
CA LYS A 152 -21.88 11.39 -2.15
C LYS A 152 -21.07 10.29 -1.49
N LEU A 153 -20.65 9.33 -2.31
CA LEU A 153 -19.96 8.15 -1.82
C LEU A 153 -18.77 7.84 -2.71
N GLY A 154 -17.64 7.55 -2.09
CA GLY A 154 -16.48 7.01 -2.79
C GLY A 154 -16.34 5.51 -2.57
N PHE A 155 -15.89 4.80 -3.59
CA PHE A 155 -15.88 3.34 -3.62
C PHE A 155 -14.44 2.88 -3.81
N THR A 156 -13.87 2.22 -2.80
CA THR A 156 -12.56 1.60 -2.92
C THR A 156 -12.82 0.14 -3.27
N PHE A 157 -12.40 -0.25 -4.47
CA PHE A 157 -12.68 -1.56 -5.04
C PHE A 157 -11.32 -2.13 -5.42
N SER A 158 -10.72 -2.88 -4.50
CA SER A 158 -9.30 -3.23 -4.62
C SER A 158 -9.12 -4.57 -5.32
N PHE A 159 -9.51 -4.60 -6.59
CA PHE A 159 -9.37 -5.75 -7.48
C PHE A 159 -8.85 -5.24 -8.81
N PRO A 160 -8.27 -6.12 -9.64
CA PRO A 160 -7.79 -5.68 -10.95
C PRO A 160 -8.93 -5.13 -11.80
N CYS A 161 -8.77 -3.87 -12.21
CA CYS A 161 -9.83 -3.14 -12.90
C CYS A 161 -9.27 -2.39 -14.11
N VAL A 162 -10.18 -2.00 -14.98
CA VAL A 162 -9.88 -1.12 -16.10
C VAL A 162 -10.72 0.15 -15.88
N GLN A 163 -10.06 1.26 -15.57
CA GLN A 163 -10.77 2.48 -15.14
C GLN A 163 -10.65 3.56 -16.20
N ARG A 164 -11.77 3.87 -16.86
CA ARG A 164 -11.76 4.87 -17.94
C ARG A 164 -12.03 6.29 -17.44
N SER A 165 -12.68 6.44 -16.29
CA SER A 165 -12.98 7.75 -15.74
C SER A 165 -13.14 7.58 -14.23
N LEU A 166 -13.26 8.70 -13.52
CA LEU A 166 -13.27 8.63 -12.07
C LEU A 166 -14.38 7.71 -11.58
N ASN A 167 -15.55 7.76 -12.22
N ASN A 167 -15.54 7.74 -12.25
CA ASN A 167 -16.70 6.99 -11.75
CA ASN A 167 -16.72 7.02 -11.80
C ASN A 167 -17.05 5.80 -12.66
C ASN A 167 -17.07 5.84 -12.71
N ASN A 168 -16.06 5.25 -13.36
CA ASN A 168 -16.28 4.13 -14.29
C ASN A 168 -15.10 3.17 -14.23
N SER A 169 -15.31 2.02 -13.58
CA SER A 169 -14.24 1.03 -13.40
C SER A 169 -14.80 -0.37 -13.62
N VAL A 170 -14.23 -1.09 -14.59
CA VAL A 170 -14.69 -2.42 -14.98
C VAL A 170 -13.81 -3.48 -14.33
N LEU A 171 -14.43 -4.47 -13.69
CA LEU A 171 -13.66 -5.55 -13.07
C LEU A 171 -13.00 -6.38 -14.15
N GLU A 172 -11.68 -6.53 -14.08
CA GLU A 172 -10.99 -7.27 -15.13
C GLU A 172 -10.91 -8.76 -14.81
N SER A 173 -10.74 -9.10 -13.53
CA SER A 173 -10.72 -10.48 -13.06
C SER A 173 -10.78 -10.44 -11.54
N TRP A 174 -11.38 -11.47 -10.97
CA TRP A 174 -11.41 -11.60 -9.53
C TRP A 174 -10.06 -12.03 -8.99
N THR A 175 -9.80 -11.70 -7.73
CA THR A 175 -8.66 -12.21 -6.97
C THR A 175 -9.16 -12.56 -5.57
N LYS A 176 -8.21 -12.90 -4.70
CA LYS A 176 -8.47 -13.05 -3.26
C LYS A 176 -9.56 -14.08 -2.98
N GLY A 177 -9.70 -15.08 -3.85
CA GLY A 177 -10.64 -16.17 -3.62
C GLY A 177 -12.07 -15.90 -4.05
N PHE A 178 -12.34 -14.81 -4.77
CA PHE A 178 -13.67 -14.52 -5.28
C PHE A 178 -13.92 -15.20 -6.61
N ALA A 179 -15.16 -15.67 -6.81
CA ALA A 179 -15.59 -16.17 -8.11
C ALA A 179 -16.98 -15.69 -8.48
N THR A 180 -17.50 -14.68 -7.77
CA THR A 180 -18.89 -14.27 -7.90
C THR A 180 -19.29 -14.03 -9.35
N GLY A 181 -20.44 -14.58 -9.73
CA GLY A 181 -21.04 -14.29 -11.01
C GLY A 181 -20.56 -15.14 -12.17
N HIS A 182 -19.48 -15.90 -12.01
CA HIS A 182 -18.85 -16.62 -13.12
C HIS A 182 -19.82 -17.53 -13.85
N ASP A 183 -20.72 -18.18 -13.12
CA ASP A 183 -21.67 -19.15 -13.68
C ASP A 183 -23.08 -18.60 -13.73
N THR A 184 -23.22 -17.29 -13.90
CA THR A 184 -24.53 -16.64 -13.97
C THR A 184 -24.60 -15.77 -15.21
N ASP A 185 -25.80 -15.32 -15.52
CA ASP A 185 -26.04 -14.31 -16.54
C ASP A 185 -25.92 -12.90 -15.97
N ASP A 186 -25.42 -12.77 -14.74
CA ASP A 186 -25.31 -11.49 -14.05
C ASP A 186 -23.89 -11.37 -13.51
N PRO A 187 -22.90 -11.24 -14.39
CA PRO A 187 -21.50 -11.26 -13.94
C PRO A 187 -21.08 -9.92 -13.34
N VAL A 188 -20.03 -9.99 -12.54
CA VAL A 188 -19.27 -8.79 -12.18
C VAL A 188 -18.10 -8.56 -13.13
N VAL A 189 -17.36 -9.64 -13.44
CA VAL A 189 -16.23 -9.54 -14.36
C VAL A 189 -16.72 -8.99 -15.69
N GLY A 190 -16.00 -7.99 -16.21
CA GLY A 190 -16.35 -7.37 -17.47
C GLY A 190 -17.39 -6.29 -17.37
N LYS A 191 -17.87 -5.99 -16.17
CA LYS A 191 -18.90 -4.99 -15.95
C LYS A 191 -18.33 -3.82 -15.16
N ASP A 192 -18.85 -2.63 -15.46
CA ASP A 192 -18.62 -1.44 -14.64
C ASP A 192 -19.28 -1.61 -13.28
N VAL A 193 -18.49 -1.53 -12.20
CA VAL A 193 -19.06 -1.80 -10.88
C VAL A 193 -19.90 -0.63 -10.34
N VAL A 194 -19.77 0.56 -10.91
CA VAL A 194 -20.51 1.69 -10.38
C VAL A 194 -22.01 1.52 -10.67
N PRO A 195 -22.44 1.19 -11.89
CA PRO A 195 -23.88 0.92 -12.08
C PRO A 195 -24.39 -0.26 -11.28
N LEU A 196 -23.57 -1.28 -11.03
CA LEU A 196 -24.01 -2.37 -10.16
C LEU A 196 -24.28 -1.87 -8.74
N LEU A 197 -23.38 -1.03 -8.23
CA LEU A 197 -23.60 -0.49 -6.89
C LEU A 197 -24.79 0.46 -6.86
N ALA A 198 -24.93 1.31 -7.89
CA ALA A 198 -26.05 2.24 -7.92
C ALA A 198 -27.38 1.49 -7.99
N ALA A 199 -27.41 0.38 -8.74
CA ALA A 199 -28.64 -0.41 -8.81
C ALA A 199 -28.96 -0.99 -7.44
N ALA A 200 -27.95 -1.50 -6.75
CA ALA A 200 -28.17 -2.03 -5.41
C ALA A 200 -28.65 -0.95 -4.43
N PHE A 201 -28.09 0.26 -4.50
CA PHE A 201 -28.60 1.35 -3.66
C PHE A 201 -30.07 1.63 -3.98
N ALA A 202 -30.42 1.66 -5.27
CA ALA A 202 -31.80 1.95 -5.65
C ALA A 202 -32.76 0.90 -5.12
N ARG A 203 -32.35 -0.37 -5.16
CA ARG A 203 -33.24 -1.44 -4.68
C ARG A 203 -33.53 -1.30 -3.19
N GLN A 204 -32.67 -0.64 -2.43
CA GLN A 204 -32.86 -0.46 -1.01
C GLN A 204 -33.32 0.96 -0.65
N GLY A 205 -33.58 1.81 -1.65
CA GLY A 205 -34.03 3.16 -1.40
C GLY A 205 -33.00 4.05 -0.72
N LEU A 206 -31.72 3.85 -1.00
CA LEU A 206 -30.63 4.54 -0.33
C LEU A 206 -30.15 5.70 -1.20
N GLY A 207 -30.26 6.91 -0.68
CA GLY A 207 -29.78 8.09 -1.40
C GLY A 207 -28.29 8.29 -1.29
N LEU A 208 -27.53 7.41 -1.93
CA LEU A 208 -26.09 7.52 -2.04
C LEU A 208 -25.75 7.56 -3.52
N GLU A 209 -24.86 8.47 -3.91
CA GLU A 209 -24.44 8.60 -5.29
C GLU A 209 -22.95 8.32 -5.33
N CYS A 210 -22.55 7.22 -5.97
CA CYS A 210 -21.13 6.88 -6.08
C CYS A 210 -20.49 7.73 -7.17
N GLU A 211 -19.59 8.62 -6.78
CA GLU A 211 -18.98 9.55 -7.71
C GLU A 211 -17.52 9.25 -8.01
N ALA A 212 -16.96 8.20 -7.39
CA ALA A 212 -15.56 7.89 -7.61
C ALA A 212 -15.28 6.47 -7.19
N VAL A 213 -14.48 5.79 -8.01
CA VAL A 213 -13.79 4.57 -7.61
C VAL A 213 -12.36 4.97 -7.31
N VAL A 214 -11.91 4.75 -6.09
CA VAL A 214 -10.68 5.36 -5.59
C VAL A 214 -9.69 4.27 -5.25
N ASN A 215 -8.47 4.39 -5.77
CA ASN A 215 -7.40 3.48 -5.38
C ASN A 215 -6.94 3.80 -3.95
N ASP A 216 -6.60 2.77 -3.17
CA ASP A 216 -6.32 3.00 -1.75
C ASP A 216 -5.01 3.77 -1.53
N THR A 217 -4.02 3.65 -2.42
CA THR A 217 -2.83 4.50 -2.27
C THR A 217 -3.16 5.97 -2.55
N VAL A 218 -3.96 6.21 -3.60
CA VAL A 218 -4.45 7.57 -3.84
C VAL A 218 -5.30 8.04 -2.68
N GLY A 219 -6.13 7.16 -2.12
CA GLY A 219 -6.88 7.54 -0.94
C GLY A 219 -5.98 7.95 0.22
N THR A 220 -4.82 7.32 0.34
CA THR A 220 -3.87 7.69 1.39
C THR A 220 -3.35 9.11 1.16
N LEU A 221 -2.97 9.42 -0.09
CA LEU A 221 -2.63 10.80 -0.42
C LEU A 221 -3.78 11.75 -0.07
N LEU A 222 -5.02 11.40 -0.41
CA LEU A 222 -6.11 12.34 -0.18
C LEU A 222 -6.39 12.51 1.32
N SER A 223 -6.30 11.41 2.09
CA SER A 223 -6.48 11.49 3.54
C SER A 223 -5.50 12.48 4.14
N CYS A 224 -4.24 12.38 3.71
CA CYS A 224 -3.22 13.31 4.20
C CYS A 224 -3.51 14.74 3.76
N ALA A 225 -3.82 14.92 2.47
CA ALA A 225 -4.10 16.26 1.95
C ALA A 225 -5.19 16.97 2.74
N TYR A 226 -6.27 16.26 3.08
CA TYR A 226 -7.32 16.91 3.86
C TYR A 226 -6.87 17.15 5.29
N GLN A 227 -6.29 16.14 5.95
CA GLN A 227 -6.15 16.19 7.40
C GLN A 227 -4.91 16.93 7.87
N LYS A 228 -3.96 17.22 6.99
CA LYS A 228 -2.91 18.14 7.40
C LYS A 228 -3.44 19.56 7.54
N GLY A 229 -4.66 19.82 7.05
CA GLY A 229 -5.30 21.11 7.16
C GLY A 229 -4.95 22.00 5.99
N PRO A 230 -5.58 23.18 5.93
CA PRO A 230 -5.20 24.16 4.90
C PRO A 230 -3.79 24.70 5.14
N GLY A 231 -3.12 25.05 4.03
CA GLY A 231 -1.74 25.51 4.10
C GLY A 231 -0.73 24.39 4.28
N GLY A 232 0.54 24.78 4.34
CA GLY A 232 1.63 23.83 4.44
C GLY A 232 2.02 23.29 3.08
N PRO A 233 3.15 22.59 2.99
CA PRO A 233 3.60 22.08 1.69
C PRO A 233 2.63 21.04 1.14
N PRO A 234 2.34 21.09 -0.15
CA PRO A 234 1.27 20.23 -0.70
C PRO A 234 1.59 18.74 -0.58
N CYS A 235 0.54 17.94 -0.38
CA CYS A 235 0.68 16.47 -0.38
C CYS A 235 0.56 16.00 -1.82
N THR A 236 1.69 15.65 -2.43
CA THR A 236 1.72 15.19 -3.81
C THR A 236 2.29 13.79 -3.98
N VAL A 237 2.60 13.09 -2.89
CA VAL A 237 3.09 11.71 -2.96
C VAL A 237 2.35 10.93 -1.88
N GLY A 238 1.91 9.72 -2.22
CA GLY A 238 1.29 8.84 -1.25
C GLY A 238 1.94 7.47 -1.32
N VAL A 239 2.18 6.86 -0.16
CA VAL A 239 2.92 5.61 -0.09
C VAL A 239 2.23 4.68 0.88
N ILE A 240 2.11 3.41 0.51
CA ILE A 240 1.69 2.37 1.46
C ILE A 240 2.84 1.39 1.60
N LEU A 241 3.31 1.22 2.82
CA LEU A 241 4.39 0.29 3.17
C LEU A 241 3.84 -0.64 4.24
N GLY A 242 3.17 -1.69 3.79
CA GLY A 242 2.51 -2.59 4.72
C GLY A 242 2.77 -4.03 4.32
N THR A 243 1.72 -4.85 4.28
CA THR A 243 1.88 -6.20 3.75
C THR A 243 2.33 -6.16 2.30
N GLY A 244 1.83 -5.19 1.53
CA GLY A 244 2.34 -4.89 0.22
C GLY A 244 2.92 -3.48 0.20
N ALA A 245 3.36 -3.06 -0.98
CA ALA A 245 3.98 -1.76 -1.12
C ALA A 245 3.53 -1.13 -2.42
N ASN A 246 3.10 0.14 -2.34
CA ASN A 246 2.70 0.82 -3.56
C ASN A 246 2.83 2.32 -3.32
N CYS A 247 2.86 3.07 -4.43
N CYS A 247 2.85 3.07 -4.42
CA CYS A 247 3.07 4.51 -4.38
CA CYS A 247 2.99 4.52 -4.29
C CYS A 247 2.20 5.19 -5.44
C CYS A 247 2.26 5.21 -5.43
N CYS A 248 1.84 6.45 -5.17
CA CYS A 248 1.19 7.29 -6.16
C CYS A 248 1.79 8.69 -6.06
N TYR A 249 1.59 9.48 -7.12
CA TYR A 249 2.10 10.84 -7.06
C TYR A 249 1.37 11.75 -8.03
N TRP A 250 1.51 13.05 -7.79
CA TRP A 250 0.91 14.08 -8.62
C TRP A 250 1.86 14.42 -9.77
N GLU A 251 1.39 14.20 -11.01
CA GLU A 251 2.25 14.30 -12.19
C GLU A 251 2.03 15.62 -12.91
N PRO A 252 3.01 16.51 -12.93
CA PRO A 252 2.77 17.87 -13.45
C PRO A 252 2.50 17.92 -14.96
N GLN A 253 2.92 16.92 -15.73
CA GLN A 253 2.65 16.86 -17.16
C GLN A 253 1.62 15.78 -17.49
N ALA A 254 0.73 15.47 -16.55
CA ALA A 254 -0.27 14.43 -16.73
C ALA A 254 -1.06 14.61 -18.04
N ALA A 255 -1.51 15.84 -18.30
CA ALA A 255 -2.36 16.04 -19.48
C ALA A 255 -1.61 15.68 -20.77
N ALA A 256 -0.35 16.10 -20.88
CA ALA A 256 0.41 15.85 -22.10
C ALA A 256 0.63 14.35 -22.35
N PHE A 257 0.59 13.53 -21.31
CA PHE A 257 0.79 12.10 -21.44
C PHE A 257 -0.53 11.34 -21.54
N GLY A 258 -1.64 12.04 -21.67
CA GLY A 258 -2.91 11.40 -21.92
C GLY A 258 -3.67 10.97 -20.69
N TYR A 259 -3.33 11.50 -19.52
CA TYR A 259 -4.06 11.22 -18.29
C TYR A 259 -5.28 12.11 -18.16
N ARG A 260 -6.35 11.54 -17.60
CA ARG A 260 -7.51 12.32 -17.20
C ARG A 260 -7.35 12.90 -15.80
N GLY A 261 -6.78 12.10 -14.88
CA GLY A 261 -6.44 12.58 -13.57
C GLY A 261 -5.06 13.22 -13.58
N ALA A 262 -4.68 13.76 -12.42
CA ALA A 262 -3.32 14.21 -12.22
C ALA A 262 -2.52 13.25 -11.36
N VAL A 263 -3.18 12.42 -10.56
CA VAL A 263 -2.48 11.50 -9.67
C VAL A 263 -2.32 10.16 -10.39
N VAL A 264 -1.07 9.73 -10.52
CA VAL A 264 -0.72 8.47 -11.15
C VAL A 264 -0.51 7.42 -10.06
N ASN A 265 -1.17 6.28 -10.21
CA ASN A 265 -0.95 5.10 -9.39
C ASN A 265 0.15 4.28 -10.06
N VAL A 266 1.35 4.34 -9.49
CA VAL A 266 2.53 3.84 -10.18
C VAL A 266 2.53 2.33 -10.27
N GLU A 267 2.00 1.65 -9.25
CA GLU A 267 2.12 0.20 -9.09
C GLU A 267 3.60 -0.21 -9.09
N CYS A 268 4.36 0.45 -8.20
CA CYS A 268 5.80 0.31 -8.17
C CYS A 268 6.26 -1.03 -7.60
N GLY A 269 5.35 -1.82 -7.02
CA GLY A 269 5.77 -3.12 -6.51
C GLY A 269 6.38 -3.99 -7.57
N ASN A 270 5.99 -3.78 -8.82
CA ASN A 270 6.46 -4.59 -9.94
C ASN A 270 7.74 -4.06 -10.59
N PHE A 271 8.28 -2.93 -10.10
CA PHE A 271 9.55 -2.42 -10.60
C PHE A 271 10.59 -3.53 -10.61
N ASN A 272 11.28 -3.69 -11.75
CA ASN A 272 12.15 -4.85 -11.88
C ASN A 272 13.47 -4.53 -12.57
N LYS A 273 13.89 -3.27 -12.62
CA LYS A 273 15.08 -2.89 -13.35
C LYS A 273 16.25 -2.68 -12.41
N ASN A 274 17.34 -3.42 -12.67
N ASN A 274 17.37 -3.37 -12.65
CA ASN A 274 18.62 -3.30 -11.97
CA ASN A 274 18.60 -3.09 -11.91
C ASN A 274 18.43 -3.32 -10.45
C ASN A 274 18.43 -3.29 -10.40
N LEU A 275 17.59 -4.25 -10.01
CA LEU A 275 17.39 -4.47 -8.59
C LEU A 275 18.62 -5.11 -7.96
N PRO A 276 18.92 -4.80 -6.69
CA PRO A 276 20.08 -5.41 -6.01
C PRO A 276 19.78 -6.83 -5.52
N THR A 277 19.49 -7.72 -6.47
CA THR A 277 19.01 -9.05 -6.13
C THR A 277 20.07 -9.85 -5.39
N THR A 278 19.65 -10.53 -4.32
CA THR A 278 20.48 -11.49 -3.60
C THR A 278 19.90 -12.90 -3.76
N PRO A 279 20.69 -13.95 -3.45
CA PRO A 279 20.13 -15.32 -3.56
C PRO A 279 18.84 -15.55 -2.77
N ALA A 280 18.70 -14.92 -1.59
CA ALA A 280 17.46 -15.04 -0.84
C ALA A 280 16.29 -14.45 -1.62
N ASP A 281 16.51 -13.33 -2.31
CA ASP A 281 15.46 -12.75 -3.15
C ASP A 281 15.07 -13.71 -4.28
N GLU A 282 16.06 -14.35 -4.91
CA GLU A 282 15.76 -15.31 -5.96
C GLU A 282 14.95 -16.48 -5.41
N ALA A 283 15.34 -17.01 -4.24
CA ALA A 283 14.58 -18.10 -3.64
C ALA A 283 13.13 -17.69 -3.36
N ILE A 284 12.95 -16.50 -2.76
CA ILE A 284 11.59 -16.03 -2.52
C ILE A 284 10.79 -15.94 -3.82
N ASP A 285 11.38 -15.39 -4.87
CA ASP A 285 10.63 -15.29 -6.12
C ASP A 285 10.34 -16.66 -6.71
N ASN A 286 11.33 -17.56 -6.68
CA ASN A 286 11.20 -18.84 -7.37
C ASN A 286 10.06 -19.69 -6.81
N LYS A 287 9.77 -19.55 -5.52
CA LYS A 287 8.73 -20.36 -4.91
C LYS A 287 7.40 -19.62 -4.79
N SER A 288 7.33 -18.38 -5.29
CA SER A 288 6.13 -17.58 -5.17
C SER A 288 5.13 -17.98 -6.25
N PRO A 289 3.85 -17.68 -6.03
CA PRO A 289 2.84 -17.93 -7.06
C PRO A 289 2.80 -16.88 -8.15
N ASN A 290 3.63 -15.84 -8.08
CA ASN A 290 3.66 -14.78 -9.09
C ASN A 290 5.12 -14.54 -9.51
N LYS A 291 5.72 -15.57 -10.10
CA LYS A 291 7.15 -15.53 -10.43
C LYS A 291 7.43 -14.39 -11.39
N LYS A 292 8.48 -13.63 -11.07
CA LYS A 292 9.03 -12.51 -11.83
C LYS A 292 8.15 -11.27 -11.72
N HIS A 293 7.05 -11.32 -10.98
CA HIS A 293 6.22 -10.17 -10.72
C HIS A 293 6.45 -9.67 -9.31
N GLN A 294 6.19 -8.38 -9.11
CA GLN A 294 6.27 -7.75 -7.77
C GLN A 294 7.65 -7.88 -7.16
N LEU A 295 8.71 -7.84 -7.98
CA LEU A 295 10.06 -8.09 -7.47
C LEU A 295 10.53 -7.01 -6.49
N PHE A 296 10.15 -5.75 -6.71
CA PHE A 296 10.51 -4.69 -5.77
C PHE A 296 9.78 -4.88 -4.43
N GLU A 297 8.47 -5.10 -4.52
CA GLU A 297 7.68 -5.37 -3.32
C GLU A 297 8.27 -6.54 -2.54
N LYS A 298 8.76 -7.56 -3.25
CA LYS A 298 9.33 -8.72 -2.57
C LYS A 298 10.59 -8.39 -1.77
N MET A 299 11.23 -7.25 -2.05
CA MET A 299 12.34 -6.79 -1.23
C MET A 299 11.92 -5.84 -0.13
N ILE A 300 10.71 -5.28 -0.20
CA ILE A 300 10.33 -4.17 0.67
C ILE A 300 9.29 -4.58 1.72
N SER A 301 8.27 -5.33 1.31
CA SER A 301 7.03 -5.29 2.07
C SER A 301 6.94 -6.38 3.13
N GLY A 302 5.98 -6.19 4.04
CA GLY A 302 5.90 -7.00 5.23
C GLY A 302 5.61 -8.47 4.93
N PHE A 303 4.95 -8.73 3.81
CA PHE A 303 4.67 -10.12 3.45
C PHE A 303 5.95 -10.93 3.35
N TYR A 304 7.06 -10.31 2.96
CA TYR A 304 8.28 -11.01 2.60
C TYR A 304 9.43 -10.83 3.57
N LEU A 305 9.42 -9.80 4.44
CA LEU A 305 10.61 -9.52 5.24
C LEU A 305 10.94 -10.68 6.18
N GLY A 306 9.91 -11.32 6.75
CA GLY A 306 10.15 -12.49 7.60
C GLY A 306 10.76 -13.65 6.83
N GLU A 307 10.26 -13.91 5.61
CA GLU A 307 10.85 -14.94 4.76
C GLU A 307 12.31 -14.64 4.46
N LEU A 308 12.64 -13.36 4.25
CA LEU A 308 14.03 -13.02 3.98
C LEU A 308 14.91 -13.34 5.19
N VAL A 309 14.43 -12.97 6.38
CA VAL A 309 15.21 -13.29 7.59
C VAL A 309 15.39 -14.80 7.71
N ARG A 310 14.33 -15.57 7.45
CA ARG A 310 14.41 -17.02 7.57
C ARG A 310 15.41 -17.62 6.59
N LEU A 311 15.35 -17.21 5.32
CA LEU A 311 16.24 -17.79 4.34
C LEU A 311 17.70 -17.37 4.58
N LEU A 312 17.93 -16.12 5.00
CA LEU A 312 19.29 -15.71 5.34
C LEU A 312 19.79 -16.46 6.58
N THR A 313 18.90 -16.75 7.53
CA THR A 313 19.26 -17.55 8.70
C THR A 313 19.73 -18.93 8.26
N LEU A 314 18.98 -19.57 7.36
CA LEU A 314 19.42 -20.86 6.85
C LEU A 314 20.78 -20.75 6.15
N GLU A 315 20.95 -19.70 5.34
CA GLU A 315 22.19 -19.51 4.57
C GLU A 315 23.39 -19.31 5.49
N ILE A 316 23.22 -18.54 6.56
CA ILE A 316 24.34 -18.17 7.41
C ILE A 316 24.65 -19.26 8.41
N PHE A 317 23.63 -19.80 9.07
CA PHE A 317 23.84 -20.76 10.15
C PHE A 317 24.04 -22.20 9.68
N GLY A 318 23.60 -22.57 8.47
CA GLY A 318 23.89 -23.93 8.02
C GLY A 318 23.26 -24.95 8.94
N ALA A 319 24.06 -25.96 9.33
CA ALA A 319 23.56 -27.04 10.18
C ALA A 319 23.16 -26.57 11.58
N ALA A 320 23.57 -25.37 11.98
CA ALA A 320 23.17 -24.83 13.29
C ALA A 320 21.80 -24.16 13.27
N ALA A 321 21.17 -24.04 12.10
CA ALA A 321 19.85 -23.44 12.06
C ALA A 321 18.82 -24.35 12.73
N PRO A 322 17.84 -23.75 13.41
CA PRO A 322 16.79 -24.56 14.04
C PRO A 322 15.85 -25.16 13.01
N ALA A 323 15.21 -26.27 13.40
CA ALA A 323 14.37 -27.04 12.48
C ALA A 323 13.22 -26.20 11.95
N LYS A 324 12.62 -25.38 12.81
CA LYS A 324 11.49 -24.55 12.40
C LYS A 324 11.85 -23.55 11.31
N ALA A 325 13.13 -23.18 11.21
CA ALA A 325 13.55 -22.30 10.12
C ALA A 325 13.43 -22.95 8.75
N ARG A 326 13.23 -24.26 8.69
CA ARG A 326 13.03 -24.94 7.42
C ARG A 326 11.60 -24.83 6.91
N GLU A 327 10.69 -24.24 7.69
CA GLU A 327 9.26 -24.20 7.38
C GLU A 327 8.93 -22.83 6.80
N GLU A 328 8.34 -22.82 5.61
CA GLU A 328 7.94 -21.57 4.96
C GLU A 328 7.02 -20.76 5.87
N PHE A 329 7.28 -19.44 5.93
CA PHE A 329 6.43 -18.47 6.63
C PHE A 329 6.33 -18.75 8.12
N SER A 330 7.36 -19.37 8.70
CA SER A 330 7.41 -19.59 10.14
C SER A 330 7.82 -18.34 10.92
N PHE A 331 8.25 -17.29 10.23
CA PHE A 331 8.81 -16.09 10.85
C PHE A 331 8.29 -14.88 10.08
N ASP A 332 7.59 -13.96 10.75
CA ASP A 332 6.90 -12.88 10.05
C ASP A 332 7.56 -11.51 10.29
N ALA A 333 7.01 -10.47 9.65
CA ALA A 333 7.65 -9.17 9.67
C ALA A 333 7.61 -8.54 11.06
N LYS A 334 6.59 -8.85 11.87
CA LYS A 334 6.56 -8.36 13.24
C LYS A 334 7.75 -8.91 14.04
N GLN A 335 8.04 -10.20 13.86
CA GLN A 335 9.19 -10.81 14.54
C GLN A 335 10.52 -10.27 14.00
N ALA A 336 10.62 -10.09 12.68
CA ALA A 336 11.81 -9.47 12.12
C ALA A 336 12.00 -8.08 12.70
N ALA A 337 10.90 -7.35 12.94
CA ALA A 337 11.00 -6.00 13.46
C ALA A 337 11.54 -6.02 14.88
N VAL A 338 11.15 -7.02 15.68
CA VAL A 338 11.76 -7.19 17.00
C VAL A 338 13.28 -7.28 16.88
N LEU A 339 13.75 -8.09 15.93
CA LEU A 339 15.20 -8.18 15.72
C LEU A 339 15.81 -6.86 15.26
N ALA A 340 15.19 -6.21 14.27
CA ALA A 340 15.77 -4.99 13.72
C ALA A 340 15.79 -3.86 14.75
N ALA A 341 14.77 -3.81 15.62
CA ALA A 341 14.65 -2.69 16.56
C ALA A 341 15.81 -2.68 17.54
N SER A 342 16.34 -3.86 17.86
CA SER A 342 17.46 -4.01 18.77
C SER A 342 18.77 -3.41 18.26
N LEU A 343 18.85 -3.05 16.97
CA LEU A 343 20.08 -2.48 16.42
C LEU A 343 19.87 -1.11 15.77
N MET A 344 18.74 -0.48 16.04
CA MET A 344 18.50 0.87 15.53
C MET A 344 19.44 1.86 16.22
N PRO A 345 19.65 3.06 15.61
CA PRO A 345 20.60 4.03 16.16
C PRO A 345 20.53 4.21 17.67
N GLY A 346 21.68 4.00 18.34
CA GLY A 346 21.77 4.18 19.78
C GLY A 346 20.99 3.20 20.62
N LYS A 347 20.64 2.03 20.08
CA LYS A 347 19.95 0.99 20.85
C LYS A 347 20.71 -0.33 20.84
N GLU A 348 21.90 -0.37 20.24
CA GLU A 348 22.59 -1.63 19.98
C GLU A 348 22.99 -2.35 21.27
N GLU A 349 23.43 -1.62 22.29
CA GLU A 349 23.80 -2.23 23.55
C GLU A 349 22.69 -2.09 24.60
N ASP A 350 21.48 -1.74 24.18
CA ASP A 350 20.33 -1.80 25.09
C ASP A 350 20.05 -3.27 25.40
N PRO A 351 20.09 -3.69 26.66
CA PRO A 351 19.91 -5.11 26.98
C PRO A 351 18.47 -5.61 26.89
N ALA A 352 17.48 -4.75 27.12
CA ALA A 352 16.09 -5.20 27.13
C ALA A 352 15.62 -5.59 25.72
N LEU A 353 16.04 -4.83 24.71
CA LEU A 353 15.65 -5.16 23.34
C LEU A 353 16.26 -6.49 22.90
N ALA A 354 17.56 -6.68 23.19
CA ALA A 354 18.21 -7.95 22.91
C ALA A 354 17.54 -9.11 23.66
N SER A 355 17.07 -8.87 24.88
CA SER A 355 16.39 -9.92 25.62
C SER A 355 15.06 -10.29 24.97
N SER A 356 14.33 -9.29 24.45
CA SER A 356 13.13 -9.60 23.68
C SER A 356 13.47 -10.44 22.46
N CYS A 357 14.64 -10.21 21.86
CA CYS A 357 15.06 -11.04 20.73
C CYS A 357 15.27 -12.49 21.14
N LYS A 358 15.95 -12.70 22.28
CA LYS A 358 16.20 -14.06 22.76
C LYS A 358 14.88 -14.79 23.01
N VAL A 359 13.95 -14.12 23.70
CA VAL A 359 12.65 -14.75 23.97
C VAL A 359 11.91 -15.03 22.68
N LEU A 360 11.97 -14.09 21.74
CA LEU A 360 11.32 -14.27 20.44
C LEU A 360 11.79 -15.54 19.76
N LEU A 361 13.10 -15.72 19.65
CA LEU A 361 13.62 -16.86 18.91
C LEU A 361 13.28 -18.17 19.61
N LYS A 362 13.32 -18.18 20.95
CA LYS A 362 12.85 -19.36 21.68
C LYS A 362 11.38 -19.66 21.38
N GLU A 363 10.52 -18.64 21.36
CA GLU A 363 9.09 -18.90 21.19
C GLU A 363 8.75 -19.32 19.76
N SER A 364 9.36 -18.69 18.76
CA SER A 364 8.96 -18.92 17.37
C SER A 364 9.66 -20.13 16.77
N TRP A 365 10.95 -20.33 17.07
CA TRP A 365 11.72 -21.38 16.43
C TRP A 365 12.21 -22.43 17.41
N GLY A 366 11.80 -22.37 18.68
CA GLY A 366 12.30 -23.28 19.69
C GLY A 366 13.80 -23.23 19.84
N TRP A 367 14.41 -22.10 19.54
CA TRP A 367 15.85 -21.99 19.40
C TRP A 367 16.46 -21.35 20.63
N ASP A 368 17.18 -22.15 21.42
CA ASP A 368 17.89 -21.65 22.60
C ASP A 368 19.33 -21.38 22.20
N LEU A 369 19.55 -20.21 21.61
CA LEU A 369 20.82 -19.86 21.00
C LEU A 369 21.67 -18.99 21.92
N ASP A 370 22.98 -18.96 21.63
CA ASP A 370 23.92 -18.29 22.50
C ASP A 370 24.16 -16.85 22.05
N ALA A 371 25.00 -16.15 22.83
CA ALA A 371 25.17 -14.71 22.65
C ALA A 371 25.61 -14.35 21.23
N ALA A 372 26.62 -15.05 20.70
CA ALA A 372 27.13 -14.74 19.37
C ALA A 372 26.06 -15.00 18.30
N ALA A 373 25.34 -16.11 18.43
CA ALA A 373 24.28 -16.43 17.47
C ALA A 373 23.16 -15.40 17.53
N LEU A 374 22.79 -14.99 18.75
CA LEU A 374 21.76 -13.96 18.92
C LEU A 374 22.17 -12.64 18.27
N LYS A 375 23.43 -12.25 18.46
CA LYS A 375 23.95 -11.05 17.80
C LYS A 375 23.81 -11.16 16.28
N VAL A 376 24.19 -12.31 15.71
CA VAL A 376 24.07 -12.46 14.25
C VAL A 376 22.61 -12.40 13.82
N MET A 377 21.69 -13.04 14.56
CA MET A 377 20.27 -12.97 14.20
C MET A 377 19.76 -11.53 14.21
N ARG A 378 20.17 -10.76 15.22
CA ARG A 378 19.82 -9.35 15.25
C ARG A 378 20.34 -8.62 14.02
N GLN A 379 21.58 -8.92 13.63
CA GLN A 379 22.16 -8.28 12.45
C GLN A 379 21.40 -8.66 11.18
N ILE A 380 20.93 -9.90 11.10
CA ILE A 380 20.13 -10.33 9.95
C ILE A 380 18.85 -9.50 9.85
N GLY A 381 18.12 -9.42 10.96
CA GLY A 381 16.87 -8.69 10.96
C GLY A 381 17.08 -7.22 10.63
N PHE A 382 18.12 -6.63 11.21
CA PHE A 382 18.44 -5.24 10.89
C PHE A 382 18.71 -5.07 9.41
N ALA A 383 19.52 -5.96 8.81
CA ALA A 383 19.88 -5.76 7.41
C ALA A 383 18.65 -5.84 6.53
N VAL A 384 17.75 -6.77 6.81
CA VAL A 384 16.54 -6.91 5.99
C VAL A 384 15.67 -5.66 6.10
N PHE A 385 15.44 -5.18 7.32
CA PHE A 385 14.55 -4.04 7.49
C PHE A 385 15.19 -2.75 6.99
N ASP A 386 16.50 -2.62 7.14
CA ASP A 386 17.16 -1.41 6.69
C ASP A 386 17.16 -1.34 5.18
N ARG A 387 17.28 -2.49 4.50
CA ARG A 387 17.18 -2.47 3.05
C ARG A 387 15.76 -2.10 2.61
N SER A 388 14.75 -2.59 3.34
CA SER A 388 13.39 -2.20 3.01
C SER A 388 13.24 -0.68 3.09
N ALA A 389 13.73 -0.07 4.18
CA ALA A 389 13.66 1.38 4.34
C ALA A 389 14.44 2.11 3.24
N ALA A 390 15.61 1.60 2.87
CA ALA A 390 16.40 2.26 1.85
C ALA A 390 15.69 2.25 0.49
N LEU A 391 15.06 1.11 0.16
CA LEU A 391 14.38 1.02 -1.13
C LEU A 391 13.10 1.84 -1.14
N ALA A 392 12.38 1.89 -0.02
CA ALA A 392 11.25 2.80 0.10
C ALA A 392 11.71 4.24 -0.09
N ALA A 393 12.87 4.58 0.48
CA ALA A 393 13.40 5.93 0.30
C ALA A 393 13.68 6.22 -1.16
N VAL A 394 14.23 5.24 -1.88
CA VAL A 394 14.45 5.42 -3.32
C VAL A 394 13.13 5.76 -4.02
N SER A 395 12.08 4.98 -3.73
CA SER A 395 10.78 5.25 -4.36
C SER A 395 10.31 6.68 -4.05
N ILE A 396 10.40 7.06 -2.79
CA ILE A 396 9.89 8.37 -2.37
C ILE A 396 10.67 9.49 -3.03
N ALA A 397 12.00 9.37 -3.05
CA ALA A 397 12.83 10.41 -3.63
C ALA A 397 12.52 10.59 -5.12
N VAL A 398 12.39 9.48 -5.85
CA VAL A 398 12.06 9.58 -7.28
C VAL A 398 10.72 10.25 -7.49
N LEU A 399 9.71 9.88 -6.68
CA LEU A 399 8.39 10.50 -6.86
C LEU A 399 8.41 11.97 -6.48
N VAL A 400 9.07 12.31 -5.37
CA VAL A 400 9.18 13.72 -4.97
C VAL A 400 9.82 14.54 -6.08
N GLN A 401 10.91 14.03 -6.66
CA GLN A 401 11.55 14.73 -7.77
C GLN A 401 10.58 14.94 -8.93
N ARG A 402 9.82 13.90 -9.28
CA ARG A 402 8.91 14.00 -10.42
C ARG A 402 7.76 15.00 -10.16
N THR A 403 7.30 15.12 -8.91
CA THR A 403 6.20 16.07 -8.65
C THR A 403 6.61 17.51 -8.91
N ARG A 404 7.91 17.81 -8.82
CA ARG A 404 8.45 19.17 -8.87
C ARG A 404 7.97 20.01 -7.70
N SER A 405 7.37 19.40 -6.66
CA SER A 405 6.83 20.19 -5.56
C SER A 405 7.92 20.98 -4.83
N LEU A 406 9.12 20.43 -4.71
CA LEU A 406 10.19 21.19 -4.05
C LEU A 406 10.49 22.47 -4.82
N GLU A 407 10.44 22.41 -6.16
CA GLU A 407 10.77 23.55 -7.00
C GLU A 407 9.62 24.54 -7.11
N THR A 408 8.37 24.07 -7.11
CA THR A 408 7.24 24.96 -7.35
C THR A 408 6.57 25.45 -6.06
N ASP A 409 6.69 24.70 -4.96
CA ASP A 409 6.07 25.07 -3.69
C ASP A 409 7.06 25.14 -2.54
N GLY A 410 8.32 24.83 -2.76
CA GLY A 410 9.32 24.91 -1.70
C GLY A 410 9.22 23.88 -0.63
N GLY A 411 8.46 22.81 -0.84
CA GLY A 411 8.30 21.76 0.15
C GLY A 411 7.37 20.72 -0.41
N VAL A 412 7.35 19.56 0.24
CA VAL A 412 6.41 18.51 -0.16
C VAL A 412 6.03 17.72 1.07
N THR A 413 4.74 17.35 1.16
CA THR A 413 4.25 16.43 2.17
C THR A 413 4.05 15.07 1.51
N VAL A 414 4.62 14.03 2.12
CA VAL A 414 4.54 12.65 1.65
C VAL A 414 3.64 11.89 2.60
N ALA A 415 2.49 11.42 2.11
CA ALA A 415 1.58 10.64 2.92
C ALA A 415 2.08 9.22 3.02
N VAL A 416 2.18 8.69 4.24
CA VAL A 416 2.66 7.32 4.43
C VAL A 416 1.67 6.56 5.31
N ASP A 417 1.33 5.35 4.89
CA ASP A 417 0.54 4.46 5.72
C ASP A 417 1.10 3.06 5.54
N GLY A 418 0.60 2.13 6.34
CA GLY A 418 1.05 0.74 6.25
C GLY A 418 1.74 0.27 7.52
N SER A 419 1.62 -1.04 7.80
CA SER A 419 2.10 -1.59 9.07
C SER A 419 3.59 -1.38 9.28
N LEU A 420 4.41 -1.44 8.23
CA LEU A 420 5.84 -1.26 8.43
C LEU A 420 6.15 0.11 9.04
N TYR A 421 5.47 1.14 8.54
CA TYR A 421 5.68 2.50 9.02
C TYR A 421 4.92 2.77 10.31
N VAL A 422 3.68 2.28 10.42
CA VAL A 422 2.84 2.64 11.57
C VAL A 422 3.33 1.94 12.84
N ARG A 423 3.77 0.68 12.73
CA ARG A 423 4.12 -0.10 13.90
C ARG A 423 5.53 0.21 14.42
N ASN A 424 6.43 0.66 13.56
CA ASN A 424 7.86 0.79 13.87
C ASN A 424 8.29 2.24 13.72
N GLU A 425 8.43 2.96 14.84
CA GLU A 425 8.80 4.37 14.78
C GLU A 425 10.13 4.58 14.07
N TRP A 426 11.10 3.69 14.29
CA TRP A 426 12.41 3.82 13.67
C TRP A 426 12.39 3.61 12.17
N TYR A 427 11.35 2.99 11.62
CA TYR A 427 11.34 2.70 10.19
C TYR A 427 11.31 3.99 9.37
N GLY A 428 10.40 4.91 9.71
CA GLY A 428 10.37 6.20 9.03
C GLY A 428 11.64 7.01 9.25
N LEU A 429 12.25 6.88 10.42
CA LEU A 429 13.51 7.58 10.66
C LEU A 429 14.61 7.05 9.75
N ARG A 430 14.65 5.74 9.53
CA ARG A 430 15.61 5.17 8.58
C ARG A 430 15.30 5.62 7.15
N ILE A 431 14.02 5.67 6.81
CA ILE A 431 13.67 6.23 5.50
C ILE A 431 14.24 7.63 5.35
N ARG A 432 14.12 8.46 6.40
CA ARG A 432 14.61 9.83 6.30
C ARG A 432 16.13 9.89 6.19
N THR A 433 16.84 9.00 6.89
CA THR A 433 18.29 8.91 6.72
C THR A 433 18.66 8.65 5.26
N PHE A 434 17.98 7.69 4.63
CA PHE A 434 18.32 7.39 3.23
C PHE A 434 17.85 8.50 2.29
N LEU A 435 16.74 9.18 2.63
CA LEU A 435 16.30 10.30 1.82
C LEU A 435 17.33 11.42 1.86
N LYS A 436 17.96 11.61 3.02
CA LYS A 436 19.07 12.57 3.09
C LYS A 436 20.21 12.15 2.18
N GLU A 437 20.60 10.86 2.24
CA GLU A 437 21.62 10.39 1.30
C GLU A 437 21.26 10.69 -0.16
N LEU A 438 19.98 10.53 -0.52
CA LEU A 438 19.59 10.69 -1.92
C LEU A 438 19.40 12.14 -2.33
N LEU A 439 18.86 12.98 -1.45
CA LEU A 439 18.41 14.30 -1.82
C LEU A 439 19.30 15.43 -1.31
N GLY A 440 20.21 15.16 -0.37
CA GLY A 440 20.99 16.24 0.21
C GLY A 440 20.19 17.02 1.23
N GLU A 441 20.59 18.28 1.41
CA GLU A 441 19.98 19.12 2.42
C GLU A 441 18.51 19.40 2.15
N LYS A 442 18.07 19.28 0.89
CA LYS A 442 16.67 19.60 0.65
C LYS A 442 15.70 18.56 1.20
N VAL A 443 16.20 17.47 1.80
CA VAL A 443 15.33 16.63 2.61
C VAL A 443 14.67 17.41 3.75
N ASP A 444 15.25 18.54 4.16
CA ASP A 444 14.60 19.36 5.16
C ASP A 444 13.32 20.00 4.67
N LYS A 445 13.05 19.96 3.36
CA LYS A 445 11.80 20.43 2.79
C LYS A 445 10.83 19.29 2.49
N VAL A 446 11.16 18.07 2.91
CA VAL A 446 10.33 16.89 2.72
C VAL A 446 9.75 16.48 4.07
N PHE A 447 8.42 16.36 4.14
CA PHE A 447 7.75 16.04 5.39
C PHE A 447 6.97 14.75 5.22
N LEU A 448 7.42 13.68 5.86
CA LEU A 448 6.66 12.44 5.91
C LEU A 448 5.58 12.57 6.96
N ARG A 449 4.33 12.30 6.57
CA ARG A 449 3.22 12.44 7.50
C ARG A 449 2.40 11.16 7.45
N ALA A 450 2.13 10.59 8.63
CA ALA A 450 1.24 9.43 8.68
C ALA A 450 -0.14 9.85 8.21
N ALA A 451 -0.75 9.02 7.38
CA ALA A 451 -2.07 9.28 6.84
C ALA A 451 -2.90 8.01 7.01
N ASP A 452 -4.10 8.15 7.55
CA ASP A 452 -4.86 6.97 7.95
C ASP A 452 -6.02 6.71 7.00
N ASP A 453 -6.34 5.42 6.85
CA ASP A 453 -7.61 4.98 6.26
C ASP A 453 -7.82 5.54 4.85
N GLY A 454 -6.83 5.36 3.98
CA GLY A 454 -7.00 5.72 2.59
C GLY A 454 -8.20 5.05 1.94
N SER A 455 -8.47 3.79 2.30
CA SER A 455 -9.54 3.07 1.63
C SER A 455 -10.92 3.49 2.09
N GLY A 456 -11.03 4.17 3.23
CA GLY A 456 -12.32 4.59 3.74
C GLY A 456 -12.42 6.10 3.69
N LYS A 457 -11.88 6.74 4.73
CA LYS A 457 -11.74 8.18 4.78
C LYS A 457 -11.23 8.78 3.46
N GLY A 458 -10.19 8.17 2.88
CA GLY A 458 -9.62 8.72 1.65
C GLY A 458 -10.60 8.75 0.50
N ALA A 459 -11.44 7.73 0.37
CA ALA A 459 -12.42 7.70 -0.72
C ALA A 459 -13.55 8.70 -0.49
N ALA A 460 -13.96 8.88 0.78
CA ALA A 460 -14.95 9.91 1.09
C ALA A 460 -14.39 11.30 0.79
N ILE A 461 -13.12 11.53 1.11
CA ILE A 461 -12.50 12.82 0.84
C ILE A 461 -12.41 13.06 -0.66
N CYS A 462 -12.06 12.01 -1.42
CA CYS A 462 -12.05 12.11 -2.87
C CYS A 462 -13.34 12.72 -3.37
N VAL A 463 -14.49 12.17 -2.95
CA VAL A 463 -15.72 12.72 -3.53
C VAL A 463 -16.05 14.08 -2.92
N ALA A 464 -15.62 14.36 -1.69
CA ALA A 464 -15.86 15.69 -1.13
C ALA A 464 -15.10 16.77 -1.90
N ALA A 465 -13.94 16.43 -2.48
CA ALA A 465 -13.12 17.43 -3.18
C ALA A 465 -13.67 17.78 -4.56
N LEU A 466 -14.69 17.07 -5.03
CA LEU A 466 -15.25 17.34 -6.35
C LEU A 466 -16.12 18.59 -6.34
N HIS A 467 -16.73 18.91 -5.19
CA HIS A 467 -17.75 19.96 -5.07
C HIS A 467 -17.28 21.16 -4.26
#